data_7BWW
#
_entry.id   7BWW
#
_cell.length_a   28.156
_cell.length_b   79.823
_cell.length_c   89.202
_cell.angle_alpha   90.000
_cell.angle_beta   95.570
_cell.angle_gamma   90.000
#
_symmetry.space_group_name_H-M   'P 1 21 1'
#
loop_
_entity.id
_entity.type
_entity.pdbx_description
1 polymer 'metallo-Diels-Alderase DA7 W16S'
2 non-polymer 'BENZOIC ACID'
3 non-polymer 'PENTAETHYLENE GLYCOL'
4 non-polymer 'ZINC ION'
5 non-polymer DI(HYDROXYETHYL)ETHER
6 non-polymer 'ACETIC ACID'
7 water water
#
_entity_poly.entity_id   1
_entity_poly.type   'polypeptide(L)'
_entity_poly.pdbx_seq_one_letter_code
;GSGSPLAQQIKNILSLISQADAAGRMDEVRTLQLNLCQLMVEYFQQSDGDGGSPLAQQIKNIHSFGHQAWAAGRLDEVLT
IQENLYQLMKEYFQQSD
;
_entity_poly.pdbx_strand_id   A,B,C,D
#
loop_
_chem_comp.id
_chem_comp.type
_chem_comp.name
_chem_comp.formula
1PE non-polymer 'PENTAETHYLENE GLYCOL' 'C10 H22 O6'
ACY non-polymer 'ACETIC ACID' 'C2 H4 O2'
BEZ non-polymer 'BENZOIC ACID' 'C7 H6 O2'
PEG non-polymer DI(HYDROXYETHYL)ETHER 'C4 H10 O3'
ZN non-polymer 'ZINC ION' 'Zn 2'
#
# COMPACT_ATOMS: atom_id res chain seq x y z
N SER A 2 19.41 -8.22 15.70
CA SER A 2 19.13 -7.17 16.67
C SER A 2 20.42 -6.42 17.04
N GLY A 3 20.28 -5.23 17.59
CA GLY A 3 21.45 -4.44 17.96
C GLY A 3 21.04 -3.12 18.57
N SER A 4 22.03 -2.45 19.15
CA SER A 4 21.80 -1.17 19.83
C SER A 4 21.48 -0.02 18.87
N PRO A 5 22.18 0.15 17.73
CA PRO A 5 21.77 1.24 16.83
C PRO A 5 20.40 1.01 16.22
N LEU A 6 20.09 -0.25 15.89
CA LEU A 6 18.75 -0.59 15.41
C LEU A 6 17.71 -0.34 16.51
N ALA A 7 18.03 -0.71 17.74
CA ALA A 7 17.10 -0.46 18.84
C ALA A 7 16.83 1.03 19.00
N GLN A 8 17.88 1.87 18.88
CA GLN A 8 17.64 3.30 19.03
C GLN A 8 16.84 3.86 17.85
N GLN A 9 17.05 3.32 16.65
CA GLN A 9 16.24 3.83 15.55
C GLN A 9 14.79 3.41 15.69
N ILE A 10 14.52 2.20 16.20
CA ILE A 10 13.15 1.85 16.55
C ILE A 10 12.60 2.82 17.59
N LYS A 11 13.38 3.15 18.62
CA LYS A 11 12.89 4.10 19.61
C LYS A 11 12.63 5.47 18.98
N ASN A 12 13.50 5.89 18.06
CA ASN A 12 13.29 7.17 17.37
C ASN A 12 11.98 7.17 16.61
N ILE A 13 11.70 6.09 15.88
CA ILE A 13 10.50 6.04 15.07
C ILE A 13 9.26 5.96 15.94
N LEU A 14 9.31 5.17 17.03
CA LEU A 14 8.21 5.17 17.98
C LEU A 14 7.94 6.58 18.50
N SER A 15 9.00 7.32 18.83
CA SER A 15 8.81 8.69 19.31
C SER A 15 8.20 9.60 18.25
N LEU A 16 8.65 9.48 17.01
CA LEU A 16 8.09 10.31 15.96
C LEU A 16 6.64 9.93 15.66
N ILE A 17 6.27 8.65 15.77
CA ILE A 17 4.87 8.29 15.61
C ILE A 17 4.02 9.01 16.66
N SER A 18 4.47 9.00 17.92
CA SER A 18 3.72 9.70 18.96
C SER A 18 3.63 11.20 18.65
N GLN A 19 4.74 11.81 18.25
CA GLN A 19 4.73 13.25 17.97
C GLN A 19 3.88 13.55 16.75
N ALA A 20 4.04 12.78 15.68
CA ALA A 20 3.28 13.08 14.46
C ALA A 20 1.80 12.87 14.70
N ASP A 21 1.45 11.85 15.48
N ASP A 21 1.44 11.86 15.48
CA ASP A 21 0.05 11.63 15.83
CA ASP A 21 0.04 11.65 15.82
C ASP A 21 -0.52 12.83 16.59
C ASP A 21 -0.52 12.84 16.57
N ALA A 22 0.22 13.32 17.59
CA ALA A 22 -0.26 14.44 18.38
C ALA A 22 -0.41 15.70 17.55
N ALA A 23 0.42 15.86 16.53
CA ALA A 23 0.37 17.05 15.70
C ALA A 23 -0.57 16.93 14.52
N GLY A 24 -1.17 15.77 14.31
CA GLY A 24 -2.10 15.59 13.19
C GLY A 24 -1.44 15.34 11.86
N ARG A 25 -0.20 14.86 11.85
CA ARG A 25 0.53 14.65 10.60
C ARG A 25 0.23 13.24 10.08
N MET A 26 -0.96 13.09 9.49
CA MET A 26 -1.49 11.76 9.16
C MET A 26 -0.66 11.07 8.09
N ASP A 27 -0.20 11.80 7.08
CA ASP A 27 0.63 11.16 6.07
C ASP A 27 1.96 10.75 6.65
N GLU A 28 2.57 11.59 7.47
CA GLU A 28 3.84 11.18 8.08
C GLU A 28 3.67 9.95 8.97
N VAL A 29 2.54 9.88 9.69
CA VAL A 29 2.27 8.69 10.51
C VAL A 29 2.27 7.44 9.64
N ARG A 30 1.62 7.51 8.48
CA ARG A 30 1.62 6.35 7.59
C ARG A 30 3.03 5.93 7.22
N THR A 31 3.85 6.89 6.80
N THR A 31 3.88 6.87 6.83
CA THR A 31 5.24 6.62 6.44
CA THR A 31 5.21 6.42 6.43
C THR A 31 6.01 6.03 7.62
C THR A 31 6.04 6.00 7.63
N LEU A 32 5.83 6.62 8.81
CA LEU A 32 6.51 6.15 10.01
C LEU A 32 6.14 4.71 10.33
N GLN A 33 4.87 4.37 10.16
CA GLN A 33 4.45 3.00 10.43
C GLN A 33 5.05 2.03 9.42
N LEU A 34 5.23 2.45 8.17
CA LEU A 34 5.92 1.61 7.20
C LEU A 34 7.36 1.40 7.62
N ASN A 35 8.02 2.47 8.09
N ASN A 35 8.03 2.46 8.13
N ASN A 35 8.02 2.48 8.07
CA ASN A 35 9.39 2.33 8.56
CA ASN A 35 9.41 2.31 8.57
CA ASN A 35 9.37 2.41 8.59
C ASN A 35 9.48 1.40 9.77
C ASN A 35 9.52 1.43 9.81
C ASN A 35 9.46 1.42 9.75
N LEU A 36 8.58 1.57 10.74
CA LEU A 36 8.60 0.71 11.92
C LEU A 36 8.42 -0.76 11.55
N CYS A 37 7.50 -1.03 10.61
CA CYS A 37 7.30 -2.39 10.15
C CYS A 37 8.62 -3.03 9.72
N GLN A 38 9.33 -2.36 8.80
N GLN A 38 9.35 -2.37 8.82
CA GLN A 38 10.60 -2.89 8.30
CA GLN A 38 10.59 -2.98 8.32
C GLN A 38 11.61 -3.07 9.42
C GLN A 38 11.66 -3.06 9.40
N LEU A 39 11.69 -2.10 10.32
CA LEU A 39 12.65 -2.19 11.42
C LEU A 39 12.33 -3.36 12.33
N MET A 40 11.04 -3.63 12.55
CA MET A 40 10.66 -4.78 13.37
C MET A 40 11.07 -6.10 12.71
N VAL A 41 10.84 -6.23 11.41
CA VAL A 41 11.27 -7.43 10.69
C VAL A 41 12.78 -7.63 10.89
N GLU A 42 13.54 -6.56 10.74
CA GLU A 42 15.00 -6.68 10.81
C GLU A 42 15.47 -6.94 12.24
N TYR A 43 14.92 -6.21 13.20
CA TYR A 43 15.42 -6.35 14.57
C TYR A 43 15.15 -7.75 15.11
N PHE A 44 13.96 -8.28 14.87
CA PHE A 44 13.56 -9.54 15.50
C PHE A 44 13.88 -10.75 14.65
N GLN A 45 14.68 -10.58 13.59
CA GLN A 45 15.11 -11.69 12.76
C GLN A 45 15.68 -12.82 13.60
N GLN A 46 15.34 -14.05 13.19
CA GLN A 46 15.86 -15.33 13.72
C GLN A 46 15.16 -15.72 15.01
N GLY A 52 14.40 -15.96 21.58
CA GLY A 52 14.12 -14.71 22.27
C GLY A 52 13.27 -14.85 23.51
N SER A 53 13.10 -13.74 24.23
CA SER A 53 12.24 -13.71 25.40
C SER A 53 10.78 -13.98 25.00
N PRO A 54 9.93 -14.39 25.94
CA PRO A 54 8.51 -14.50 25.59
C PRO A 54 7.93 -13.22 25.01
N LEU A 55 8.35 -12.05 25.51
CA LEU A 55 7.85 -10.80 24.95
C LEU A 55 8.27 -10.64 23.49
N ALA A 56 9.54 -10.92 23.18
CA ALA A 56 9.98 -10.83 21.78
C ALA A 56 9.22 -11.82 20.90
N GLN A 57 8.99 -13.04 21.40
CA GLN A 57 8.25 -14.01 20.62
C GLN A 57 6.85 -13.51 20.34
N GLN A 58 6.22 -12.83 21.30
CA GLN A 58 4.86 -12.37 21.07
C GLN A 58 4.82 -11.18 20.14
N ILE A 59 5.80 -10.28 20.21
CA ILE A 59 5.91 -9.21 19.22
C ILE A 59 5.98 -9.82 17.81
N LYS A 60 6.82 -10.84 17.63
CA LYS A 60 6.94 -11.48 16.32
C LYS A 60 5.62 -12.10 15.90
N ASN A 61 4.96 -12.84 16.79
CA ASN A 61 3.69 -13.47 16.42
C ASN A 61 2.65 -12.41 16.05
N ILE A 62 2.50 -11.39 16.88
CA ILE A 62 1.46 -10.39 16.65
C ILE A 62 1.76 -9.62 15.37
N HIS A 63 3.01 -9.31 15.11
CA HIS A 63 3.36 -8.65 13.86
C HIS A 63 2.95 -9.51 12.66
N SER A 64 3.20 -10.81 12.73
CA SER A 64 2.82 -11.73 11.66
C SER A 64 1.31 -11.74 11.44
N PHE A 65 0.54 -11.86 12.52
CA PHE A 65 -0.90 -11.83 12.35
C PHE A 65 -1.40 -10.47 11.88
N GLY A 66 -0.68 -9.40 12.21
CA GLY A 66 -1.01 -8.11 11.65
C GLY A 66 -0.89 -8.08 10.14
N HIS A 67 0.18 -8.68 9.60
CA HIS A 67 0.30 -8.76 8.14
C HIS A 67 -0.88 -9.52 7.54
N GLN A 68 -1.27 -10.64 8.16
CA GLN A 68 -2.36 -11.43 7.61
C GLN A 68 -3.67 -10.64 7.63
N ALA A 69 -3.92 -9.90 8.71
CA ALA A 69 -5.13 -9.09 8.76
C ALA A 69 -5.09 -7.97 7.73
N TRP A 70 -3.96 -7.31 7.58
CA TRP A 70 -3.83 -6.23 6.62
C TRP A 70 -4.06 -6.72 5.20
N ALA A 71 -3.49 -7.88 4.87
CA ALA A 71 -3.62 -8.41 3.52
C ALA A 71 -5.06 -8.64 3.14
N ALA A 72 -5.89 -9.02 4.11
CA ALA A 72 -7.32 -9.23 3.89
C ALA A 72 -8.13 -7.96 4.01
N GLY A 73 -7.49 -6.81 4.24
CA GLY A 73 -8.23 -5.58 4.42
C GLY A 73 -9.06 -5.54 5.68
N ARG A 74 -8.71 -6.35 6.69
CA ARG A 74 -9.53 -6.46 7.90
C ARG A 74 -9.14 -5.35 8.87
N LEU A 75 -9.57 -4.14 8.53
CA LEU A 75 -9.15 -2.96 9.27
C LEU A 75 -9.50 -3.07 10.75
N ASP A 76 -10.68 -3.61 11.07
CA ASP A 76 -11.05 -3.72 12.47
C ASP A 76 -10.03 -4.52 13.27
N GLU A 77 -9.53 -5.62 12.70
CA GLU A 77 -8.56 -6.42 13.43
C GLU A 77 -7.17 -5.80 13.33
N VAL A 78 -6.84 -5.17 12.21
CA VAL A 78 -5.57 -4.44 12.12
C VAL A 78 -5.44 -3.43 13.25
N LEU A 79 -6.51 -2.69 13.54
CA LEU A 79 -6.38 -1.59 14.48
C LEU A 79 -6.15 -2.08 15.91
N THR A 80 -6.83 -3.17 16.32
CA THR A 80 -6.59 -3.63 17.69
C THR A 80 -5.33 -4.49 17.78
N ILE A 81 -4.93 -5.15 16.68
CA ILE A 81 -3.59 -5.75 16.66
C ILE A 81 -2.54 -4.66 16.82
N GLN A 82 -2.70 -3.53 16.12
CA GLN A 82 -1.74 -2.43 16.24
C GLN A 82 -1.65 -1.94 17.68
N GLU A 83 -2.80 -1.78 18.35
CA GLU A 83 -2.78 -1.32 19.74
C GLU A 83 -1.96 -2.27 20.59
N ASN A 84 -2.17 -3.57 20.40
CA ASN A 84 -1.45 -4.57 21.19
C ASN A 84 0.03 -4.57 20.86
N LEU A 85 0.35 -4.61 19.56
CA LEU A 85 1.74 -4.66 19.09
C LEU A 85 2.51 -3.44 19.56
N TYR A 86 1.93 -2.25 19.42
CA TYR A 86 2.68 -1.05 19.75
C TYR A 86 2.87 -0.93 21.26
N GLN A 87 1.93 -1.42 22.07
CA GLN A 87 2.14 -1.43 23.51
C GLN A 87 3.29 -2.35 23.90
N LEU A 88 3.34 -3.56 23.32
CA LEU A 88 4.44 -4.47 23.60
C LEU A 88 5.77 -3.89 23.14
N MET A 89 5.79 -3.24 21.98
CA MET A 89 7.00 -2.58 21.51
C MET A 89 7.47 -1.48 22.45
N LYS A 90 6.54 -0.69 22.98
CA LYS A 90 6.89 0.37 23.92
C LYS A 90 7.48 -0.22 25.20
N GLU A 91 7.00 -1.41 25.62
CA GLU A 91 7.59 -2.08 26.78
C GLU A 91 9.00 -2.59 26.46
N TYR A 92 9.12 -3.36 25.37
CA TYR A 92 10.41 -3.96 25.00
C TYR A 92 11.48 -2.89 24.82
N PHE A 93 11.13 -1.77 24.18
CA PHE A 93 12.12 -0.75 23.85
C PHE A 93 12.11 0.40 24.83
N GLN A 94 11.32 0.32 25.90
CA GLN A 94 11.23 1.35 26.92
C GLN A 94 11.10 2.73 26.31
N GLN A 95 10.02 2.90 25.54
CA GLN A 95 9.78 4.15 24.81
C GLN A 95 8.32 4.55 25.02
N SER A 96 8.08 5.36 26.04
CA SER A 96 6.72 5.75 26.40
C SER A 96 6.23 6.92 25.56
N GLY B 3 -10.93 13.22 19.90
CA GLY B 3 -10.93 14.43 20.69
C GLY B 3 -11.73 15.57 20.07
N SER B 4 -11.84 16.67 20.81
CA SER B 4 -12.59 17.82 20.28
C SER B 4 -11.89 18.46 19.08
N PRO B 5 -10.58 18.73 19.10
CA PRO B 5 -9.95 19.25 17.88
C PRO B 5 -9.96 18.26 16.73
N LEU B 6 -9.90 16.96 17.04
CA LEU B 6 -9.95 15.96 15.99
C LEU B 6 -11.33 15.89 15.36
N ALA B 7 -12.39 16.01 16.18
CA ALA B 7 -13.73 15.98 15.59
C ALA B 7 -13.94 17.13 14.62
N GLN B 8 -13.43 18.33 14.97
CA GLN B 8 -13.60 19.46 14.07
C GLN B 8 -12.81 19.27 12.78
N GLN B 9 -11.62 18.67 12.86
CA GLN B 9 -10.89 18.42 11.62
C GLN B 9 -11.62 17.42 10.75
N ILE B 10 -12.24 16.40 11.35
CA ILE B 10 -13.08 15.50 10.58
C ILE B 10 -14.23 16.27 9.94
N LYS B 11 -14.86 17.17 10.68
CA LYS B 11 -15.94 17.97 10.09
C LYS B 11 -15.43 18.87 8.97
N ASN B 12 -14.24 19.47 9.16
CA ASN B 12 -13.61 20.26 8.11
C ASN B 12 -13.47 19.46 6.82
N ILE B 13 -12.93 18.24 6.92
CA ILE B 13 -12.66 17.44 5.73
C ILE B 13 -13.98 16.99 5.10
N LEU B 14 -14.97 16.61 5.92
CA LEU B 14 -16.29 16.31 5.39
C LEU B 14 -16.86 17.52 4.64
N SER B 15 -16.68 18.72 5.20
CA SER B 15 -17.14 19.91 4.50
C SER B 15 -16.43 20.10 3.17
N LEU B 16 -15.10 19.90 3.15
CA LEU B 16 -14.36 20.04 1.90
C LEU B 16 -14.74 18.96 0.90
N ILE B 17 -15.06 17.75 1.36
CA ILE B 17 -15.52 16.71 0.44
C ILE B 17 -16.82 17.15 -0.21
N SER B 18 -17.74 17.69 0.59
CA SER B 18 -19.00 18.18 0.04
C SER B 18 -18.74 19.31 -0.95
N GLN B 19 -17.88 20.27 -0.59
CA GLN B 19 -17.59 21.39 -1.47
C GLN B 19 -16.87 20.92 -2.74
N ALA B 20 -15.87 20.06 -2.59
CA ALA B 20 -15.11 19.60 -3.75
C ALA B 20 -16.00 18.79 -4.69
N ASP B 21 -16.87 17.95 -4.13
CA ASP B 21 -17.78 17.17 -4.96
C ASP B 21 -18.75 18.08 -5.69
N ALA B 22 -19.23 19.13 -5.04
CA ALA B 22 -20.16 20.05 -5.68
C ALA B 22 -19.48 20.80 -6.81
N ALA B 23 -18.20 21.13 -6.65
CA ALA B 23 -17.46 21.87 -7.67
C ALA B 23 -16.90 20.97 -8.77
N GLY B 24 -17.00 19.65 -8.63
CA GLY B 24 -16.45 18.75 -9.60
C GLY B 24 -14.99 18.43 -9.42
N ARG B 25 -14.38 18.86 -8.31
CA ARG B 25 -13.02 18.44 -7.99
C ARG B 25 -12.99 16.98 -7.52
N MET B 26 -13.29 16.05 -8.43
N MET B 26 -13.26 16.04 -8.44
CA MET B 26 -13.36 14.63 -8.10
CA MET B 26 -13.40 14.62 -8.06
C MET B 26 -12.01 14.09 -7.64
C MET B 26 -12.08 14.00 -7.61
N ASP B 27 -10.93 14.56 -8.25
N ASP B 27 -10.98 14.48 -8.19
CA ASP B 27 -9.61 14.12 -7.78
CA ASP B 27 -9.66 14.07 -7.72
C ASP B 27 -9.34 14.60 -6.37
C ASP B 27 -9.35 14.60 -6.34
N GLU B 28 -9.79 15.82 -6.02
CA GLU B 28 -9.63 16.32 -4.66
C GLU B 28 -10.49 15.52 -3.70
N VAL B 29 -11.69 15.12 -4.15
CA VAL B 29 -12.54 14.27 -3.33
C VAL B 29 -11.76 13.04 -2.88
N ARG B 30 -11.07 12.38 -3.83
CA ARG B 30 -10.38 11.14 -3.47
C ARG B 30 -9.22 11.39 -2.52
N THR B 31 -8.47 12.49 -2.69
CA THR B 31 -7.40 12.77 -1.72
C THR B 31 -8.00 13.10 -0.36
N LEU B 32 -9.10 13.84 -0.36
CA LEU B 32 -9.78 14.14 0.90
C LEU B 32 -10.28 12.87 1.56
N GLN B 33 -10.75 11.91 0.76
CA GLN B 33 -11.25 10.67 1.35
C GLN B 33 -10.13 9.86 2.00
N LEU B 34 -8.93 9.89 1.42
CA LEU B 34 -7.81 9.21 2.08
C LEU B 34 -7.46 9.90 3.38
N ASN B 35 -7.41 11.24 3.37
N ASN B 35 -7.42 11.24 3.39
CA ASN B 35 -7.19 11.99 4.60
CA ASN B 35 -7.17 11.93 4.65
C ASN B 35 -8.23 11.63 5.66
C ASN B 35 -8.24 11.58 5.68
N LEU B 36 -9.49 11.50 5.25
CA LEU B 36 -10.58 11.19 6.18
C LEU B 36 -10.43 9.79 6.75
N CYS B 37 -10.05 8.82 5.91
CA CYS B 37 -9.73 7.48 6.41
C CYS B 37 -8.73 7.54 7.55
N GLN B 38 -7.63 8.27 7.36
CA GLN B 38 -6.61 8.35 8.40
C GLN B 38 -7.13 9.06 9.65
N LEU B 39 -7.92 10.12 9.47
CA LEU B 39 -8.47 10.85 10.61
C LEU B 39 -9.48 10.00 11.38
N MET B 40 -10.31 9.23 10.65
CA MET B 40 -11.27 8.35 11.32
C MET B 40 -10.56 7.34 12.21
N VAL B 41 -9.51 6.73 11.68
CA VAL B 41 -8.76 5.73 12.43
C VAL B 41 -8.24 6.34 13.72
N GLU B 42 -7.68 7.55 13.65
CA GLU B 42 -7.18 8.19 14.85
C GLU B 42 -8.32 8.51 15.81
N TYR B 43 -9.45 8.98 15.27
CA TYR B 43 -10.53 9.43 16.14
C TYR B 43 -11.16 8.29 16.92
N PHE B 44 -11.40 7.16 16.26
CA PHE B 44 -12.08 6.04 16.89
C PHE B 44 -11.13 5.13 17.68
N GLN B 45 -9.87 5.53 17.82
CA GLN B 45 -8.93 4.85 18.70
C GLN B 45 -8.65 5.70 19.94
N GLY B 52 -18.63 2.53 22.87
CA GLY B 52 -19.12 3.16 21.67
C GLY B 52 -20.62 2.98 21.44
N SER B 53 -21.25 4.01 20.90
CA SER B 53 -22.66 3.96 20.54
C SER B 53 -22.86 2.97 19.39
N PRO B 54 -24.09 2.48 19.18
CA PRO B 54 -24.32 1.64 18.01
C PRO B 54 -23.95 2.32 16.70
N LEU B 55 -24.17 3.63 16.58
CA LEU B 55 -23.79 4.31 15.36
C LEU B 55 -22.28 4.31 15.17
N ALA B 56 -21.51 4.58 16.24
CA ALA B 56 -20.06 4.51 16.13
C ALA B 56 -19.59 3.12 15.76
N GLN B 57 -20.19 2.10 16.37
CA GLN B 57 -19.82 0.73 16.05
C GLN B 57 -20.08 0.44 14.58
N GLN B 58 -21.20 0.94 14.04
CA GLN B 58 -21.50 0.65 12.65
C GLN B 58 -20.60 1.41 11.71
N ILE B 59 -20.20 2.64 12.06
CA ILE B 59 -19.24 3.35 11.23
C ILE B 59 -17.94 2.55 11.15
N LYS B 60 -17.47 2.05 12.29
CA LYS B 60 -16.24 1.28 12.30
C LYS B 60 -16.41 -0.05 11.56
N ASN B 61 -17.56 -0.71 11.70
CA ASN B 61 -17.81 -1.95 10.95
C ASN B 61 -17.78 -1.69 9.45
N ILE B 62 -18.56 -0.70 8.99
CA ILE B 62 -18.69 -0.46 7.57
C ILE B 62 -17.35 -0.02 6.99
N HIS B 63 -16.60 0.80 7.75
CA HIS B 63 -15.27 1.20 7.28
C HIS B 63 -14.40 -0.04 7.05
N SER B 64 -14.44 -0.98 7.98
CA SER B 64 -13.67 -2.20 7.83
C SER B 64 -14.18 -3.06 6.68
N PHE B 65 -15.49 -3.18 6.52
CA PHE B 65 -15.97 -3.99 5.40
C PHE B 65 -15.64 -3.34 4.05
N GLY B 66 -15.49 -2.01 4.00
CA GLY B 66 -15.03 -1.37 2.78
C GLY B 66 -13.60 -1.75 2.45
N HIS B 67 -12.72 -1.72 3.46
CA HIS B 67 -11.35 -2.14 3.22
C HIS B 67 -11.29 -3.61 2.83
N GLN B 68 -12.18 -4.44 3.40
CA GLN B 68 -12.21 -5.85 3.05
C GLN B 68 -12.69 -6.03 1.61
N ALA B 69 -13.69 -5.25 1.20
CA ALA B 69 -14.19 -5.36 -0.17
C ALA B 69 -13.10 -5.01 -1.18
N TRP B 70 -12.33 -3.95 -0.89
N TRP B 70 -12.33 -3.95 -0.90
CA TRP B 70 -11.22 -3.55 -1.75
CA TRP B 70 -11.23 -3.59 -1.79
C TRP B 70 -10.20 -4.67 -1.89
C TRP B 70 -10.22 -4.72 -1.90
N ALA B 71 -9.79 -5.27 -0.75
CA ALA B 71 -8.79 -6.32 -0.79
C ALA B 71 -9.29 -7.56 -1.49
N ALA B 72 -10.58 -7.84 -1.41
CA ALA B 72 -11.16 -9.01 -2.05
C ALA B 72 -11.57 -8.74 -3.49
N GLY B 73 -11.35 -7.51 -3.98
CA GLY B 73 -11.78 -7.19 -5.32
C GLY B 73 -13.28 -7.18 -5.53
N ARG B 74 -14.06 -6.89 -4.48
CA ARG B 74 -15.52 -6.70 -4.60
C ARG B 74 -15.77 -5.25 -5.02
N LEU B 75 -15.37 -4.95 -6.25
N LEU B 75 -15.36 -4.95 -6.25
CA LEU B 75 -15.38 -3.58 -6.73
CA LEU B 75 -15.38 -3.58 -6.74
C LEU B 75 -16.77 -3.09 -7.07
C LEU B 75 -16.80 -3.09 -6.99
N ASP B 76 -17.72 -4.00 -7.29
CA ASP B 76 -19.11 -3.59 -7.47
C ASP B 76 -19.77 -3.18 -6.15
N GLU B 77 -19.04 -3.26 -5.02
CA GLU B 77 -19.55 -2.86 -3.72
C GLU B 77 -18.83 -1.69 -3.07
N VAL B 78 -17.61 -1.38 -3.47
CA VAL B 78 -16.83 -0.43 -2.69
C VAL B 78 -17.51 0.93 -2.68
N LEU B 79 -18.10 1.34 -3.80
CA LEU B 79 -18.68 2.67 -3.85
C LEU B 79 -19.94 2.76 -2.98
N THR B 80 -20.74 1.69 -2.93
CA THR B 80 -21.96 1.78 -2.12
C THR B 80 -21.63 1.70 -0.63
N ILE B 81 -20.65 0.88 -0.25
CA ILE B 81 -20.19 0.87 1.13
C ILE B 81 -19.70 2.27 1.53
N GLN B 82 -18.87 2.88 0.69
CA GLN B 82 -18.30 4.18 1.02
C GLN B 82 -19.39 5.24 1.13
N GLU B 83 -20.44 5.15 0.30
CA GLU B 83 -21.53 6.11 0.41
C GLU B 83 -22.30 5.94 1.71
N ASN B 84 -22.55 4.69 2.12
CA ASN B 84 -23.19 4.44 3.40
C ASN B 84 -22.34 5.00 4.55
N LEU B 85 -21.04 4.74 4.50
CA LEU B 85 -20.14 5.24 5.53
C LEU B 85 -20.18 6.77 5.62
N TYR B 86 -20.12 7.42 4.45
CA TYR B 86 -20.15 8.89 4.40
C TYR B 86 -21.43 9.43 5.05
N GLN B 87 -22.58 8.83 4.73
N GLN B 87 -22.58 8.79 4.79
CA GLN B 87 -23.83 9.25 5.35
CA GLN B 87 -23.83 9.29 5.35
C GLN B 87 -23.75 9.15 6.87
C GLN B 87 -23.91 9.08 6.86
N LEU B 88 -23.37 7.97 7.37
CA LEU B 88 -23.33 7.78 8.82
C LEU B 88 -22.38 8.76 9.49
N MET B 89 -21.23 9.02 8.83
N MET B 89 -21.26 9.07 8.83
CA MET B 89 -20.29 10.01 9.36
CA MET B 89 -20.32 10.02 9.43
C MET B 89 -20.92 11.39 9.47
C MET B 89 -20.90 11.41 9.46
N LYS B 90 -21.72 11.78 8.47
CA LYS B 90 -22.37 13.08 8.52
C LYS B 90 -23.37 13.15 9.67
N GLU B 91 -23.99 12.01 10.02
CA GLU B 91 -24.89 11.98 11.18
C GLU B 91 -24.10 12.11 12.48
N TYR B 92 -23.08 11.27 12.65
CA TYR B 92 -22.31 11.23 13.89
C TYR B 92 -21.66 12.58 14.15
N PHE B 93 -21.11 13.20 13.11
CA PHE B 93 -20.37 14.44 13.26
C PHE B 93 -21.22 15.68 12.97
N GLN B 94 -22.51 15.50 12.69
CA GLN B 94 -23.44 16.61 12.46
C GLN B 94 -22.87 17.59 11.44
N GLN B 95 -22.57 17.06 10.26
CA GLN B 95 -21.98 17.83 9.17
C GLN B 95 -22.81 17.58 7.93
N SER B 96 -23.80 18.43 7.68
CA SER B 96 -24.71 18.22 6.56
C SER B 96 -24.05 18.66 5.25
N PRO C 5 -15.43 12.84 -20.67
CA PRO C 5 -14.65 13.31 -19.51
C PRO C 5 -13.94 12.16 -18.80
N LEU C 6 -14.70 11.27 -18.15
CA LEU C 6 -14.12 10.15 -17.42
C LEU C 6 -13.33 9.24 -18.34
N ALA C 7 -13.87 8.92 -19.52
CA ALA C 7 -13.13 8.13 -20.49
C ALA C 7 -11.85 8.85 -20.91
N GLN C 8 -11.90 10.18 -21.08
CA GLN C 8 -10.69 10.93 -21.44
C GLN C 8 -9.66 10.90 -20.31
N GLN C 9 -10.09 11.02 -19.07
CA GLN C 9 -9.17 10.91 -17.95
C GLN C 9 -8.46 9.56 -17.95
N ILE C 10 -9.20 8.49 -18.28
CA ILE C 10 -8.61 7.15 -18.28
C ILE C 10 -7.64 7.00 -19.44
N LYS C 11 -8.01 7.46 -20.64
CA LYS C 11 -7.06 7.55 -21.76
C LYS C 11 -5.79 8.26 -21.34
N ASN C 12 -5.94 9.39 -20.65
CA ASN C 12 -4.79 10.19 -20.26
C ASN C 12 -3.87 9.41 -19.33
N ILE C 13 -4.43 8.67 -18.38
CA ILE C 13 -3.59 7.99 -17.41
C ILE C 13 -2.91 6.78 -18.04
N LEU C 14 -3.62 6.06 -18.90
CA LEU C 14 -2.97 5.00 -19.67
C LEU C 14 -1.74 5.53 -20.40
N SER C 15 -1.87 6.71 -21.00
CA SER C 15 -0.75 7.31 -21.72
C SER C 15 0.41 7.63 -20.80
N LEU C 16 0.13 8.16 -19.61
CA LEU C 16 1.23 8.48 -18.70
C LEU C 16 1.89 7.22 -18.17
N ILE C 17 1.12 6.15 -17.94
CA ILE C 17 1.71 4.90 -17.50
C ILE C 17 2.64 4.34 -18.56
N SER C 18 2.27 4.46 -19.84
CA SER C 18 3.15 4.00 -20.91
C SER C 18 4.41 4.86 -21.01
N GLN C 19 4.31 6.14 -20.67
CA GLN C 19 5.50 6.99 -20.66
C GLN C 19 6.39 6.68 -19.47
N ALA C 20 5.80 6.34 -18.33
CA ALA C 20 6.61 5.92 -17.19
C ALA C 20 7.38 4.66 -17.51
N ASP C 21 6.76 3.75 -18.25
CA ASP C 21 7.46 2.54 -18.69
C ASP C 21 8.66 2.87 -19.56
N ALA C 22 8.52 3.83 -20.47
CA ALA C 22 9.63 4.18 -21.34
C ALA C 22 10.83 4.71 -20.54
N ALA C 23 10.57 5.37 -19.41
CA ALA C 23 11.63 5.93 -18.59
C ALA C 23 12.21 4.94 -17.59
N GLY C 24 11.53 3.82 -17.36
CA GLY C 24 11.90 2.89 -16.30
C GLY C 24 11.06 3.14 -15.07
N ARG C 25 10.12 2.24 -14.78
CA ARG C 25 9.15 2.45 -13.72
C ARG C 25 9.83 2.39 -12.36
N MET C 26 9.52 3.35 -11.49
CA MET C 26 9.96 3.23 -10.10
C MET C 26 8.78 3.47 -9.18
N ASP C 27 9.03 3.66 -7.87
CA ASP C 27 7.93 3.58 -6.91
C ASP C 27 6.85 4.63 -7.17
N GLU C 28 7.22 5.78 -7.74
CA GLU C 28 6.24 6.83 -7.99
C GLU C 28 5.15 6.39 -8.99
N VAL C 29 5.39 5.35 -9.78
CA VAL C 29 4.36 4.87 -10.70
C VAL C 29 3.13 4.39 -9.95
N ARG C 30 3.27 4.05 -8.67
CA ARG C 30 2.14 3.60 -7.87
C ARG C 30 1.04 4.67 -7.84
N THR C 31 1.41 5.94 -7.90
N THR C 31 1.41 5.94 -7.90
CA THR C 31 0.39 6.99 -7.89
CA THR C 31 0.40 7.00 -7.90
C THR C 31 -0.47 6.93 -9.16
C THR C 31 -0.46 6.93 -9.15
N LEU C 32 0.17 6.78 -10.33
CA LEU C 32 -0.60 6.66 -11.56
C LEU C 32 -1.47 5.41 -11.54
N GLN C 33 -0.92 4.30 -11.07
CA GLN C 33 -1.67 3.04 -11.03
C GLN C 33 -2.86 3.13 -10.09
N LEU C 34 -2.70 3.79 -8.93
CA LEU C 34 -3.82 3.98 -8.02
C LEU C 34 -4.88 4.86 -8.66
N ASN C 35 -4.45 5.93 -9.34
N ASN C 35 -4.45 5.94 -9.32
CA ASN C 35 -5.41 6.81 -9.98
CA ASN C 35 -5.38 6.82 -10.01
C ASN C 35 -6.19 6.07 -11.06
C ASN C 35 -6.19 6.04 -11.04
N LEU C 36 -5.49 5.27 -11.89
CA LEU C 36 -6.19 4.47 -12.88
C LEU C 36 -7.16 3.51 -12.22
N CYS C 37 -6.73 2.84 -11.14
CA CYS C 37 -7.60 1.94 -10.38
C CYS C 37 -8.90 2.62 -9.95
N GLN C 38 -8.79 3.80 -9.33
CA GLN C 38 -9.99 4.46 -8.84
C GLN C 38 -10.88 4.96 -9.97
N LEU C 39 -10.28 5.42 -11.08
CA LEU C 39 -11.09 5.84 -12.22
C LEU C 39 -11.80 4.66 -12.85
N MET C 40 -11.16 3.49 -12.86
CA MET C 40 -11.82 2.30 -13.38
C MET C 40 -13.05 1.95 -12.56
N VAL C 41 -12.94 2.03 -11.23
CA VAL C 41 -14.10 1.71 -10.41
C VAL C 41 -15.23 2.69 -10.68
N GLU C 42 -14.90 3.98 -10.77
N GLU C 42 -14.90 3.98 -10.77
CA GLU C 42 -15.93 4.98 -11.04
CA GLU C 42 -15.92 4.98 -11.04
C GLU C 42 -16.56 4.76 -12.41
C GLU C 42 -16.56 4.76 -12.41
N TYR C 43 -15.74 4.45 -13.42
CA TYR C 43 -16.27 4.28 -14.76
C TYR C 43 -17.17 3.06 -14.87
N PHE C 44 -16.72 1.92 -14.37
CA PHE C 44 -17.42 0.66 -14.59
C PHE C 44 -18.49 0.37 -13.55
N GLN C 45 -18.53 1.09 -12.43
CA GLN C 45 -19.54 0.85 -11.40
C GLN C 45 -20.53 2.02 -11.28
N GLY C 52 -21.53 -4.13 -19.51
CA GLY C 52 -22.38 -4.86 -20.42
C GLY C 52 -21.62 -5.64 -21.49
N SER C 53 -20.83 -4.92 -22.29
CA SER C 53 -20.11 -5.52 -23.39
C SER C 53 -19.16 -6.61 -22.89
N PRO C 54 -18.84 -7.60 -23.72
CA PRO C 54 -17.92 -8.64 -23.27
C PRO C 54 -16.56 -8.11 -22.87
N LEU C 55 -16.07 -7.07 -23.55
CA LEU C 55 -14.77 -6.52 -23.17
C LEU C 55 -14.85 -5.83 -21.81
N ALA C 56 -15.91 -5.06 -21.56
CA ALA C 56 -16.07 -4.45 -20.24
C ALA C 56 -16.17 -5.50 -19.16
N GLN C 57 -16.91 -6.58 -19.41
CA GLN C 57 -17.01 -7.64 -18.40
C GLN C 57 -15.65 -8.24 -18.09
N GLN C 58 -14.82 -8.45 -19.11
CA GLN C 58 -13.48 -9.01 -18.91
C GLN C 58 -12.60 -8.05 -18.12
N ILE C 59 -12.65 -6.76 -18.46
CA ILE C 59 -11.86 -5.78 -17.73
C ILE C 59 -12.23 -5.80 -16.25
N LYS C 60 -13.54 -5.76 -15.95
CA LYS C 60 -13.98 -5.75 -14.56
C LYS C 60 -13.53 -7.01 -13.83
N ASN C 61 -13.61 -8.17 -14.49
CA ASN C 61 -13.20 -9.43 -13.86
C ASN C 61 -11.70 -9.47 -13.59
N ILE C 62 -10.90 -9.11 -14.57
CA ILE C 62 -9.44 -9.07 -14.42
C ILE C 62 -9.03 -8.04 -13.37
N HIS C 63 -9.70 -6.91 -13.34
CA HIS C 63 -9.42 -5.90 -12.31
C HIS C 63 -9.65 -6.46 -10.91
N SER C 64 -10.83 -7.08 -10.71
CA SER C 64 -11.10 -7.73 -9.43
C SER C 64 -10.01 -8.73 -9.07
N PHE C 65 -9.62 -9.55 -10.06
CA PHE C 65 -8.59 -10.55 -9.84
C PHE C 65 -7.28 -9.90 -9.41
N GLY C 66 -6.93 -8.76 -10.01
CA GLY C 66 -5.74 -8.05 -9.61
C GLY C 66 -5.73 -7.70 -8.13
N HIS C 67 -6.87 -7.24 -7.61
CA HIS C 67 -6.94 -6.95 -6.18
C HIS C 67 -6.72 -8.20 -5.35
N GLN C 68 -7.35 -9.32 -5.73
CA GLN C 68 -7.21 -10.57 -4.99
C GLN C 68 -5.77 -11.08 -5.05
N ALA C 69 -5.14 -11.00 -6.22
CA ALA C 69 -3.77 -11.48 -6.32
C ALA C 69 -2.82 -10.59 -5.52
N TRP C 70 -3.04 -9.29 -5.55
CA TRP C 70 -2.22 -8.38 -4.77
C TRP C 70 -2.32 -8.69 -3.28
N ALA C 71 -3.54 -8.94 -2.79
CA ALA C 71 -3.75 -9.22 -1.38
C ALA C 71 -3.08 -10.51 -0.94
N ALA C 72 -2.97 -11.48 -1.85
CA ALA C 72 -2.28 -12.74 -1.57
C ALA C 72 -0.77 -12.63 -1.75
N GLY C 73 -0.27 -11.48 -2.21
CA GLY C 73 1.15 -11.35 -2.47
C GLY C 73 1.61 -12.10 -3.68
N ARG C 74 0.69 -12.45 -4.60
CA ARG C 74 1.06 -13.19 -5.82
C ARG C 74 1.56 -12.19 -6.85
N LEU C 75 2.81 -11.78 -6.69
CA LEU C 75 3.42 -10.84 -7.62
C LEU C 75 3.39 -11.39 -9.04
N ASP C 76 3.69 -12.68 -9.21
CA ASP C 76 3.69 -13.24 -10.56
C ASP C 76 2.34 -13.06 -11.23
N GLU C 77 1.25 -13.31 -10.51
CA GLU C 77 -0.08 -13.12 -11.09
C GLU C 77 -0.37 -11.65 -11.32
N VAL C 78 0.00 -10.80 -10.36
CA VAL C 78 -0.25 -9.37 -10.50
C VAL C 78 0.38 -8.84 -11.79
N LEU C 79 1.57 -9.32 -12.11
CA LEU C 79 2.27 -8.81 -13.30
C LEU C 79 1.57 -9.23 -14.58
N THR C 80 1.15 -10.50 -14.68
CA THR C 80 0.43 -10.93 -15.88
C THR C 80 -0.92 -10.22 -15.98
N ILE C 81 -1.61 -10.05 -14.85
CA ILE C 81 -2.87 -9.33 -14.83
C ILE C 81 -2.67 -7.90 -15.30
N GLN C 82 -1.62 -7.24 -14.80
CA GLN C 82 -1.35 -5.86 -15.22
C GLN C 82 -1.17 -5.78 -16.73
N GLU C 83 -0.37 -6.68 -17.30
N GLU C 83 -0.36 -6.68 -17.30
CA GLU C 83 -0.17 -6.69 -18.75
CA GLU C 83 -0.11 -6.64 -18.74
C GLU C 83 -1.49 -6.86 -19.47
C GLU C 83 -1.41 -6.83 -19.51
N ASN C 84 -2.28 -7.85 -19.07
N ASN C 84 -2.24 -7.78 -19.09
CA ASN C 84 -3.55 -8.15 -19.72
CA ASN C 84 -3.49 -8.04 -19.81
C ASN C 84 -4.52 -6.99 -19.58
C ASN C 84 -4.49 -6.91 -19.60
N LEU C 85 -4.68 -6.49 -18.35
CA LEU C 85 -5.63 -5.43 -18.05
C LEU C 85 -5.32 -4.16 -18.83
N TYR C 86 -4.03 -3.77 -18.88
CA TYR C 86 -3.70 -2.53 -19.54
C TYR C 86 -3.90 -2.64 -21.05
N GLN C 87 -3.71 -3.83 -21.62
CA GLN C 87 -3.96 -4.03 -23.03
C GLN C 87 -5.46 -4.01 -23.33
N LEU C 88 -6.26 -4.68 -22.50
CA LEU C 88 -7.70 -4.60 -22.66
C LEU C 88 -8.19 -3.17 -22.53
N MET C 89 -7.64 -2.43 -21.56
N MET C 89 -7.64 -2.41 -21.59
CA MET C 89 -8.03 -1.03 -21.36
CA MET C 89 -8.10 -1.04 -21.44
C MET C 89 -7.64 -0.16 -22.55
C MET C 89 -7.64 -0.15 -22.57
N LYS C 90 -6.45 -0.41 -23.11
CA LYS C 90 -6.01 0.32 -24.32
C LYS C 90 -6.99 0.12 -25.46
N GLU C 91 -7.54 -1.09 -25.61
CA GLU C 91 -8.55 -1.36 -26.62
C GLU C 91 -9.87 -0.65 -26.30
N TYR C 92 -10.38 -0.84 -25.08
CA TYR C 92 -11.69 -0.31 -24.75
C TYR C 92 -11.69 1.21 -24.81
N PHE C 93 -10.61 1.84 -24.38
CA PHE C 93 -10.55 3.29 -24.33
C PHE C 93 -9.83 3.89 -25.53
N GLN C 94 -9.42 3.06 -26.48
CA GLN C 94 -8.82 3.51 -27.74
C GLN C 94 -7.65 4.46 -27.49
N GLN C 95 -6.74 4.02 -26.62
N GLN C 95 -6.75 4.02 -26.61
CA GLN C 95 -5.53 4.77 -26.30
CA GLN C 95 -5.53 4.75 -26.33
C GLN C 95 -4.41 4.41 -27.28
C GLN C 95 -4.48 4.42 -27.38
N SER C 96 -3.71 5.43 -27.75
CA SER C 96 -2.61 5.23 -28.69
C SER C 96 -1.28 5.65 -28.09
N GLY D 3 15.65 -3.87 -21.30
CA GLY D 3 16.76 -3.55 -22.18
C GLY D 3 18.03 -3.17 -21.43
N SER D 4 18.98 -2.57 -22.15
CA SER D 4 20.24 -2.14 -21.57
C SER D 4 20.07 -0.96 -20.62
N PRO D 5 19.29 0.09 -20.95
CA PRO D 5 19.11 1.17 -19.96
C PRO D 5 18.47 0.69 -18.68
N LEU D 6 17.45 -0.16 -18.78
CA LEU D 6 16.78 -0.68 -17.59
C LEU D 6 17.75 -1.48 -16.71
N ALA D 7 18.56 -2.36 -17.33
CA ALA D 7 19.54 -3.10 -16.54
C ALA D 7 20.58 -2.18 -15.91
N GLN D 8 20.87 -1.03 -16.55
CA GLN D 8 21.80 -0.09 -15.94
C GLN D 8 21.16 0.61 -14.74
N GLN D 9 19.87 0.94 -14.85
CA GLN D 9 19.18 1.51 -13.70
C GLN D 9 19.17 0.52 -12.54
N ILE D 10 18.91 -0.75 -12.84
CA ILE D 10 18.91 -1.79 -11.81
C ILE D 10 20.29 -1.91 -11.17
N LYS D 11 21.34 -1.93 -11.99
CA LYS D 11 22.69 -2.03 -11.45
C LYS D 11 22.99 -0.86 -10.53
N ASN D 12 22.59 0.35 -10.93
CA ASN D 12 22.83 1.51 -10.09
C ASN D 12 22.08 1.41 -8.77
N ILE D 13 20.81 1.00 -8.80
CA ILE D 13 20.03 0.85 -7.56
C ILE D 13 20.63 -0.22 -6.68
N LEU D 14 21.07 -1.34 -7.27
CA LEU D 14 21.71 -2.39 -6.48
C LEU D 14 22.91 -1.84 -5.72
N SER D 15 23.72 -0.99 -6.38
N SER D 15 23.72 -1.01 -6.38
CA SER D 15 24.87 -0.41 -5.72
CA SER D 15 24.88 -0.40 -5.72
C SER D 15 24.47 0.53 -4.60
C SER D 15 24.45 0.52 -4.59
N LEU D 16 23.40 1.32 -4.80
CA LEU D 16 22.95 2.22 -3.75
C LEU D 16 22.43 1.45 -2.54
N ILE D 17 21.69 0.37 -2.77
CA ILE D 17 21.18 -0.45 -1.68
C ILE D 17 22.34 -1.04 -0.88
N SER D 18 23.34 -1.61 -1.57
CA SER D 18 24.50 -2.17 -0.89
C SER D 18 25.22 -1.12 -0.06
N GLN D 19 25.33 0.11 -0.58
CA GLN D 19 25.96 1.18 0.19
C GLN D 19 25.11 1.55 1.40
N ALA D 20 23.79 1.63 1.21
CA ALA D 20 22.89 1.99 2.31
C ALA D 20 22.92 0.94 3.40
N ASP D 21 22.90 -0.34 3.01
CA ASP D 21 22.90 -1.41 3.99
C ASP D 21 24.20 -1.43 4.80
N ALA D 22 25.33 -1.24 4.13
CA ALA D 22 26.61 -1.22 4.83
C ALA D 22 26.68 -0.07 5.83
N ALA D 23 26.01 1.05 5.54
CA ALA D 23 25.94 2.17 6.46
C ALA D 23 24.88 1.99 7.53
N GLY D 24 24.08 0.93 7.47
CA GLY D 24 23.01 0.73 8.43
C GLY D 24 21.83 1.65 8.27
N ARG D 25 21.65 2.23 7.09
CA ARG D 25 20.56 3.19 6.82
C ARG D 25 19.35 2.41 6.33
N MET D 26 18.61 1.84 7.29
CA MET D 26 17.50 0.95 6.95
C MET D 26 16.36 1.69 6.28
N ASP D 27 16.12 2.95 6.65
CA ASP D 27 15.05 3.72 6.04
C ASP D 27 15.35 3.99 4.56
N GLU D 28 16.62 4.23 4.23
CA GLU D 28 16.98 4.45 2.82
C GLU D 28 16.91 3.15 2.02
N VAL D 29 17.30 2.02 2.64
CA VAL D 29 17.16 0.73 1.98
C VAL D 29 15.70 0.48 1.62
N ARG D 30 14.77 0.85 2.50
CA ARG D 30 13.36 0.52 2.26
C ARG D 30 12.84 1.18 0.99
N THR D 31 13.08 2.49 0.84
CA THR D 31 12.52 3.17 -0.31
C THR D 31 13.30 2.88 -1.59
N LEU D 32 14.61 2.58 -1.49
CA LEU D 32 15.33 2.11 -2.66
C LEU D 32 14.78 0.77 -3.14
N GLN D 33 14.54 -0.16 -2.20
CA GLN D 33 13.97 -1.45 -2.58
C GLN D 33 12.62 -1.28 -3.27
N LEU D 34 11.84 -0.25 -2.88
CA LEU D 34 10.59 0.03 -3.58
C LEU D 34 10.85 0.38 -5.05
N ASN D 35 11.89 1.16 -5.34
CA ASN D 35 12.22 1.47 -6.74
C ASN D 35 12.72 0.22 -7.46
N LEU D 36 13.62 -0.55 -6.82
CA LEU D 36 14.14 -1.78 -7.41
C LEU D 36 13.02 -2.74 -7.79
N CYS D 37 11.99 -2.86 -6.94
CA CYS D 37 10.92 -3.80 -7.21
C CYS D 37 10.21 -3.46 -8.51
N GLN D 38 9.90 -2.17 -8.72
CA GLN D 38 9.23 -1.73 -9.93
C GLN D 38 10.13 -1.91 -11.15
N LEU D 39 11.41 -1.58 -11.05
CA LEU D 39 12.31 -1.76 -12.18
C LEU D 39 12.44 -3.22 -12.57
N MET D 40 12.61 -4.09 -11.57
CA MET D 40 12.68 -5.53 -11.81
C MET D 40 11.48 -6.04 -12.58
N VAL D 41 10.27 -5.74 -12.10
CA VAL D 41 9.08 -6.31 -12.70
C VAL D 41 8.89 -5.79 -14.12
N GLU D 42 9.36 -4.59 -14.42
CA GLU D 42 9.35 -4.15 -15.81
C GLU D 42 10.41 -4.90 -16.60
N TYR D 43 11.63 -4.97 -16.06
CA TYR D 43 12.73 -5.61 -16.79
C TYR D 43 12.38 -7.05 -17.16
N PHE D 44 11.96 -7.84 -16.19
CA PHE D 44 11.69 -9.25 -16.42
C PHE D 44 10.34 -9.50 -17.08
N GLN D 45 9.70 -8.44 -17.59
CA GLN D 45 8.49 -8.48 -18.44
C GLN D 45 8.13 -9.86 -19.00
N GLY D 52 13.86 -15.76 -20.17
CA GLY D 52 13.77 -17.19 -20.44
C GLY D 52 14.87 -18.02 -19.82
N SER D 53 15.93 -17.36 -19.35
CA SER D 53 17.03 -18.07 -18.74
C SER D 53 16.60 -18.67 -17.40
N PRO D 54 17.22 -19.78 -16.97
CA PRO D 54 16.87 -20.33 -15.66
C PRO D 54 17.09 -19.34 -14.54
N LEU D 55 18.13 -18.50 -14.62
CA LEU D 55 18.37 -17.55 -13.55
C LEU D 55 17.31 -16.46 -13.52
N ALA D 56 16.91 -15.95 -14.69
CA ALA D 56 15.80 -14.99 -14.73
C ALA D 56 14.54 -15.61 -14.14
N GLN D 57 14.24 -16.86 -14.50
CA GLN D 57 13.03 -17.50 -13.98
C GLN D 57 13.11 -17.65 -12.47
N GLN D 58 14.29 -17.98 -11.96
CA GLN D 58 14.45 -18.14 -10.52
C GLN D 58 14.31 -16.80 -9.82
N ILE D 59 14.88 -15.73 -10.39
CA ILE D 59 14.70 -14.41 -9.79
C ILE D 59 13.22 -14.07 -9.71
N LYS D 60 12.50 -14.27 -10.81
CA LYS D 60 11.07 -13.94 -10.81
C LYS D 60 10.31 -14.76 -9.77
N ASN D 61 10.64 -16.05 -9.64
CA ASN D 61 9.92 -16.91 -8.70
C ASN D 61 10.22 -16.52 -7.26
N ILE D 62 11.49 -16.30 -6.94
CA ILE D 62 11.89 -15.96 -5.59
C ILE D 62 11.33 -14.59 -5.21
N HIS D 63 11.37 -13.64 -6.14
CA HIS D 63 10.77 -12.34 -5.87
C HIS D 63 9.29 -12.48 -5.53
N SER D 64 8.55 -13.24 -6.35
CA SER D 64 7.12 -13.42 -6.04
C SER D 64 6.92 -14.15 -4.71
N PHE D 65 7.71 -15.20 -4.44
CA PHE D 65 7.61 -15.88 -3.16
C PHE D 65 7.87 -14.94 -1.99
N GLY D 66 8.73 -13.93 -2.17
CA GLY D 66 8.96 -12.97 -1.09
C GLY D 66 7.75 -12.11 -0.83
N HIS D 67 7.07 -11.67 -1.89
CA HIS D 67 5.82 -10.95 -1.71
C HIS D 67 4.74 -11.82 -1.07
N GLN D 68 4.67 -13.10 -1.44
CA GLN D 68 3.74 -13.99 -0.75
C GLN D 68 4.07 -14.07 0.73
N ALA D 69 5.35 -14.18 1.08
CA ALA D 69 5.73 -14.31 2.48
C ALA D 69 5.33 -13.06 3.24
N TRP D 70 5.50 -11.90 2.60
CA TRP D 70 5.12 -10.64 3.24
C TRP D 70 3.64 -10.61 3.56
N ALA D 71 2.81 -10.98 2.58
CA ALA D 71 1.37 -10.93 2.79
C ALA D 71 0.91 -11.97 3.80
N ALA D 72 1.61 -13.10 3.90
CA ALA D 72 1.25 -14.16 4.83
C ALA D 72 1.87 -13.96 6.21
N GLY D 73 2.66 -12.91 6.38
CA GLY D 73 3.33 -12.73 7.66
C GLY D 73 4.42 -13.74 7.97
N ARG D 74 5.03 -14.36 6.95
CA ARG D 74 6.19 -15.22 7.19
C ARG D 74 7.42 -14.32 7.17
N LEU D 75 7.63 -13.60 8.29
CA LEU D 75 8.52 -12.46 8.25
C LEU D 75 10.00 -12.84 8.30
N ASP D 76 10.34 -13.93 8.97
CA ASP D 76 11.72 -14.41 8.89
C ASP D 76 12.03 -14.92 7.49
N GLU D 77 11.06 -15.57 6.86
CA GLU D 77 11.24 -16.01 5.49
C GLU D 77 11.47 -14.83 4.55
N VAL D 78 10.82 -13.69 4.81
CA VAL D 78 11.02 -12.52 3.97
C VAL D 78 12.49 -12.15 3.91
N LEU D 79 13.17 -12.22 5.05
CA LEU D 79 14.58 -11.83 5.11
C LEU D 79 15.47 -12.82 4.38
N THR D 80 15.24 -14.12 4.56
CA THR D 80 16.07 -15.10 3.86
C THR D 80 15.86 -15.02 2.36
N ILE D 81 14.60 -14.84 1.94
CA ILE D 81 14.34 -14.72 0.52
C ILE D 81 15.04 -13.50 -0.05
N GLN D 82 15.00 -12.38 0.69
CA GLN D 82 15.61 -11.16 0.19
C GLN D 82 17.11 -11.32 0.04
N GLU D 83 17.76 -11.98 1.01
CA GLU D 83 19.20 -12.20 0.88
C GLU D 83 19.50 -13.09 -0.33
N ASN D 84 18.71 -14.15 -0.52
CA ASN D 84 18.87 -15.01 -1.69
C ASN D 84 18.68 -14.21 -2.98
N LEU D 85 17.59 -13.46 -3.04
CA LEU D 85 17.28 -12.66 -4.22
C LEU D 85 18.39 -11.68 -4.55
N TYR D 86 18.95 -11.02 -3.54
CA TYR D 86 20.04 -10.09 -3.78
C TYR D 86 21.23 -10.79 -4.43
N GLN D 87 21.56 -11.98 -3.96
CA GLN D 87 22.69 -12.73 -4.52
C GLN D 87 22.43 -13.07 -5.99
N LEU D 88 21.22 -13.56 -6.28
CA LEU D 88 20.87 -13.89 -7.66
C LEU D 88 20.93 -12.67 -8.57
N MET D 89 20.45 -11.52 -8.08
CA MET D 89 20.48 -10.30 -8.87
C MET D 89 21.91 -9.82 -9.08
N LYS D 90 22.76 -9.98 -8.06
CA LYS D 90 24.18 -9.63 -8.25
C LYS D 90 24.81 -10.44 -9.36
N GLU D 91 24.46 -11.73 -9.46
CA GLU D 91 24.99 -12.57 -10.52
C GLU D 91 24.42 -12.17 -11.87
N TYR D 92 23.10 -12.02 -11.95
CA TYR D 92 22.46 -11.75 -13.23
C TYR D 92 22.89 -10.40 -13.79
N PHE D 93 22.97 -9.37 -12.94
CA PHE D 93 23.31 -8.04 -13.43
C PHE D 93 24.79 -7.72 -13.27
N GLN D 94 25.59 -8.71 -12.84
CA GLN D 94 27.05 -8.60 -12.76
C GLN D 94 27.43 -7.35 -11.95
N GLN D 95 26.83 -7.23 -10.77
CA GLN D 95 26.96 -6.05 -9.93
C GLN D 95 27.51 -6.50 -8.59
N SER D 96 28.82 -6.65 -8.51
CA SER D 96 29.49 -7.04 -7.27
C SER D 96 29.33 -5.97 -6.18
C BEZ E . 2.85 -3.89 10.73
O1 BEZ E . 3.77 -3.12 11.08
O2 BEZ E . 3.04 -4.70 9.81
C1 BEZ E . 1.50 -3.84 11.36
C2 BEZ E . 1.30 -3.05 12.49
C3 BEZ E . 0.04 -3.01 13.08
C4 BEZ E . -1.02 -3.74 12.55
C5 BEZ E . -0.81 -4.53 11.42
C6 BEZ E . 0.45 -4.57 10.81
OH2 1PE F . 0.49 -6.73 2.68
C12 1PE F . 0.96 -7.15 3.97
C22 1PE F . 0.62 -6.14 5.06
OH3 1PE F . 1.59 -5.11 5.21
C13 1PE F . 1.95 -2.86 6.14
C23 1PE F . 1.19 -4.19 6.24
OH4 1PE F . 1.32 -1.92 7.01
C14 1PE F . 1.66 -0.71 9.04
C24 1PE F . 2.22 -1.02 7.65
OH5 1PE F . 0.31 -0.24 8.94
C15 1PE F . -1.71 0.44 10.13
C25 1PE F . -0.47 -0.46 10.12
OH6 1PE F . -2.53 0.22 8.98
C16 1PE F . -4.52 0.93 7.76
C26 1PE F . -3.77 0.93 9.09
OH7 1PE F . -5.17 -0.33 7.53
ZN ZN G . 4.88 -5.24 9.27
C1 PEG H . -5.94 -0.91 6.55
O1 PEG H . -5.64 -0.09 5.43
C2 PEG H . -6.15 -2.35 6.07
O2 PEG H . -6.78 -2.36 4.79
C3 PEG H . -5.85 -2.68 3.75
C4 PEG H . -6.57 -2.66 2.40
O4 PEG H . -7.06 -1.35 2.14
C ACY I . -12.21 3.29 12.06
O ACY I . -11.71 4.36 11.77
OXT ACY I . -12.99 2.60 11.31
CH3 ACY I . -11.94 2.63 13.34
ZN ZN J . -10.26 3.67 5.31
C ACY K . -13.79 -2.27 -12.00
O ACY K . -13.13 -1.20 -12.20
OXT ACY K . -13.37 -3.41 -12.11
CH3 ACY K . -15.21 -2.01 -11.60
C BEZ L . -5.50 -2.37 -10.22
O1 BEZ L . -6.19 -2.50 -9.18
O2 BEZ L . -5.66 -1.37 -10.93
C1 BEZ L . -4.52 -3.45 -10.59
C2 BEZ L . -3.87 -3.41 -11.82
C3 BEZ L . -2.96 -4.41 -12.16
C4 BEZ L . -2.69 -5.44 -11.26
C5 BEZ L . -3.33 -5.47 -10.02
C6 BEZ L . -4.24 -4.47 -9.68
ZN ZN M . -7.79 -1.55 -8.69
C1 PEG N . 2.35 -6.88 -0.66
O1 PEG N . 3.57 -7.63 -0.50
C2 PEG N . 1.54 -7.50 -1.78
O2 PEG N . 2.42 -7.85 -2.86
C3 PEG N . 1.68 -8.03 -4.07
C4 PEG N . 2.60 -7.77 -5.25
O4 PEG N . 3.07 -6.41 -5.19
C ACY O . 9.87 -9.78 -11.33
O ACY O . 10.65 -8.77 -11.13
OXT ACY O . 9.11 -9.95 -12.27
CH3 ACY O . 9.99 -10.77 -10.29
ZN ZN P . 9.04 -6.65 -5.03
#